data_9OAP
#
_entry.id   9OAP
#
_cell.length_a   110.080
_cell.length_b   174.910
_cell.length_c   93.581
_cell.angle_alpha   90.000
_cell.angle_beta   90.000
_cell.angle_gamma   90.000
#
_symmetry.space_group_name_H-M   'C 2 2 21'
#
loop_
_entity.id
_entity.type
_entity.pdbx_description
1 polymer 'G001-58 Fab heavy chain'
2 polymer 'G001-58 Fab light chain'
3 polymer 'Germline-targeting HIV-1 gp120 engineered outer domain eOD-GT8-mingly'
4 non-polymer 2-acetamido-2-deoxy-beta-D-glucopyranose
#
loop_
_entity_poly.entity_id
_entity_poly.type
_entity_poly.pdbx_seq_one_letter_code
_entity_poly.pdbx_strand_id
1 'polypeptide(L)'
;QVQLVQSGAEVRKPGASVKVSCKASGYTFTDYYIHWVRQAPGQGLEWMGWINPNSGGTNYAQKFQGWVTMTRDTSISTAH
MELRRLRSDDRAVYYCARGVVHSGFEFGYWGQGTLVTVSSASTKGPSVFPLAPSSKSTSGGTAALGCLVKDYFPEPVTVS
WNSGALTSGVHTFPAVLQSSGLYSLSSVVTVPSSSLGTQTYICNVNHKPSNTKVDKKVEPKSC
;
H
2 'polypeptide(L)'
;DIQMTQSPSTLSASVGDRVTITCRASQSISNWLAWYQQKPGKAPKLLIYKASSLESGVPSRFSGSGSGTEFTLTISSLQP
DDFATYYCQQYETFGQGTKVEIKRTVAAPSVFIFPPSDEQLKSGTASVVCLLNNFYPREAKVQWKVDNALQSGNSQESVT
EQDSKDSTYSLSSTLTLSKADYEKHKVYACEVTHQGLSSPVTKSFNRGEC
;
L
3 'polypeptide(L)'
;ETGDTITLPCRPAPPPHCSSNITGLILTRQGGYSNANTVIFRPSGGDWRDIARCQIAGTVVSTQLFLNGSLAEEEVVIRS
EDWRDNAKSICVQLATSVEIACTGAGHCAISRAKWANTLKQIASKLREQYGAKTIIFKPSSGGDPEFVNHSFNCGGEFFY
CASTQLFASTWFASTGTHHHHHH
;
C
#
# COMPACT_ATOMS: atom_id res chain seq x y z
N GLN A 1 11.48 22.00 -7.31
CA GLN A 1 11.62 20.63 -6.81
C GLN A 1 10.42 20.22 -5.96
N VAL A 2 9.58 19.36 -6.51
CA VAL A 2 8.43 18.83 -5.79
C VAL A 2 8.88 17.60 -4.99
N GLN A 3 8.82 17.70 -3.67
CA GLN A 3 9.17 16.58 -2.81
C GLN A 3 8.10 16.42 -1.73
N LEU A 4 7.88 15.17 -1.32
CA LEU A 4 6.94 14.84 -0.26
C LEU A 4 7.68 14.06 0.81
N VAL A 5 7.65 14.56 2.04
CA VAL A 5 8.35 13.97 3.17
C VAL A 5 7.33 13.49 4.18
N GLN A 6 7.38 12.22 4.55
CA GLN A 6 6.45 11.62 5.48
C GLN A 6 7.10 11.45 6.85
N SER A 7 6.26 11.14 7.83
CA SER A 7 6.71 10.93 9.20
C SER A 7 7.39 9.57 9.33
N GLY A 8 8.14 9.42 10.43
CA GLY A 8 8.89 8.21 10.67
C GLY A 8 8.00 7.01 10.97
N ALA A 9 8.66 5.88 11.21
CA ALA A 9 7.95 4.64 11.50
C ALA A 9 7.12 4.78 12.77
N GLU A 10 6.02 4.04 12.83
CA GLU A 10 5.09 4.11 13.94
C GLU A 10 4.73 2.71 14.43
N VAL A 11 4.72 2.54 15.74
CA VAL A 11 4.31 1.30 16.39
C VAL A 11 3.12 1.60 17.27
N ARG A 12 2.04 0.86 17.06
CA ARG A 12 0.76 1.13 17.73
C ARG A 12 0.19 -0.14 18.32
N LYS A 13 -0.43 0.00 19.49
CA LYS A 13 -1.16 -1.11 20.08
C LYS A 13 -2.41 -1.40 19.26
N PRO A 14 -2.88 -2.65 19.24
CA PRO A 14 -4.10 -2.96 18.49
C PRO A 14 -5.30 -2.21 19.05
N GLY A 15 -6.11 -1.69 18.13
CA GLY A 15 -7.30 -0.92 18.50
C GLY A 15 -7.07 0.55 18.75
N ALA A 16 -5.83 1.02 18.67
CA ALA A 16 -5.52 2.42 18.89
C ALA A 16 -5.66 3.17 17.56
N SER A 17 -5.08 4.37 17.47
CA SER A 17 -5.10 5.16 16.25
C SER A 17 -3.69 5.62 15.91
N VAL A 18 -3.47 5.87 14.61
CA VAL A 18 -2.19 6.37 14.12
C VAL A 18 -2.48 7.52 13.16
N LYS A 19 -1.72 8.61 13.29
CA LYS A 19 -1.86 9.78 12.44
C LYS A 19 -0.54 9.99 11.70
N VAL A 20 -0.58 9.82 10.37
CA VAL A 20 0.59 9.92 9.53
C VAL A 20 0.61 11.28 8.85
N SER A 21 1.79 11.89 8.77
CA SER A 21 1.96 13.21 8.19
C SER A 21 2.68 13.10 6.84
N CYS A 22 2.38 14.05 5.96
CA CYS A 22 2.97 14.11 4.63
C CYS A 22 3.17 15.58 4.27
N LYS A 23 4.39 16.07 4.43
CA LYS A 23 4.71 17.47 4.21
C LYS A 23 5.08 17.70 2.74
N ALA A 24 4.47 18.71 2.14
CA ALA A 24 4.68 19.04 0.74
C ALA A 24 5.63 20.23 0.61
N SER A 25 6.37 20.25 -0.50
CA SER A 25 7.35 21.31 -0.75
C SER A 25 7.53 21.50 -2.25
N GLY A 26 7.85 22.72 -2.65
CA GLY A 26 8.22 23.02 -4.02
C GLY A 26 7.09 23.44 -4.94
N TYR A 27 5.85 23.46 -4.46
CA TYR A 27 4.72 23.80 -5.30
C TYR A 27 3.61 24.40 -4.43
N THR A 28 2.56 24.87 -5.09
CA THR A 28 1.40 25.42 -4.39
C THR A 28 0.63 24.27 -3.77
N PHE A 29 0.64 24.21 -2.43
CA PHE A 29 0.10 23.04 -1.73
C PHE A 29 -1.40 22.88 -1.94
N THR A 30 -2.14 23.98 -2.10
CA THR A 30 -3.59 23.92 -2.13
C THR A 30 -4.18 23.64 -3.51
N ASP A 31 -3.33 23.52 -4.55
CA ASP A 31 -3.84 23.30 -5.90
C ASP A 31 -3.97 21.83 -6.25
N TYR A 32 -3.07 20.98 -5.77
CA TYR A 32 -3.02 19.58 -6.18
C TYR A 32 -3.60 18.66 -5.11
N TYR A 33 -4.35 17.66 -5.57
CA TYR A 33 -4.87 16.64 -4.67
C TYR A 33 -3.74 15.82 -4.07
N ILE A 34 -4.04 15.18 -2.94
CA ILE A 34 -3.11 14.28 -2.27
C ILE A 34 -3.82 12.97 -2.00
N HIS A 35 -3.26 11.87 -2.49
CA HIS A 35 -3.82 10.54 -2.30
C HIS A 35 -3.03 9.78 -1.23
N TRP A 36 -3.59 8.65 -0.82
CA TRP A 36 -2.94 7.76 0.14
C TRP A 36 -3.08 6.33 -0.35
N VAL A 37 -1.95 5.64 -0.49
CA VAL A 37 -1.91 4.27 -0.97
C VAL A 37 -1.11 3.42 0.01
N ARG A 38 -1.71 2.34 0.48
CA ARG A 38 -1.04 1.40 1.38
C ARG A 38 -0.51 0.21 0.60
N GLN A 39 0.50 -0.43 1.18
CA GLN A 39 1.14 -1.59 0.56
C GLN A 39 1.52 -2.59 1.64
N ALA A 40 0.90 -3.77 1.60
CA ALA A 40 1.27 -4.85 2.49
C ALA A 40 2.68 -5.34 2.16
N PRO A 41 3.32 -6.11 3.08
CA PRO A 41 4.72 -6.53 2.88
C PRO A 41 5.07 -7.04 1.48
N GLY A 42 4.58 -8.20 1.08
CA GLY A 42 4.78 -8.72 -0.26
C GLY A 42 3.60 -8.57 -1.18
N GLN A 43 2.55 -7.88 -0.79
CA GLN A 43 1.35 -7.71 -1.61
C GLN A 43 1.46 -6.44 -2.47
N GLY A 44 0.35 -6.03 -3.09
CA GLY A 44 0.34 -4.92 -4.03
C GLY A 44 -0.07 -3.60 -3.42
N LEU A 45 -0.32 -2.62 -4.30
CA LEU A 45 -0.72 -1.28 -3.90
C LEU A 45 -2.24 -1.21 -3.77
N GLU A 46 -2.71 -0.43 -2.79
CA GLU A 46 -4.13 -0.30 -2.51
C GLU A 46 -4.45 1.16 -2.26
N TRP A 47 -5.29 1.75 -3.10
CA TRP A 47 -5.68 3.14 -2.97
C TRP A 47 -6.73 3.29 -1.87
N MET A 48 -6.52 4.27 -0.99
CA MET A 48 -7.40 4.51 0.15
C MET A 48 -8.31 5.72 -0.04
N GLY A 49 -7.82 6.77 -0.66
CA GLY A 49 -8.62 7.96 -0.88
C GLY A 49 -7.76 9.18 -1.09
N TRP A 50 -8.39 10.23 -1.58
CA TRP A 50 -7.72 11.51 -1.78
C TRP A 50 -8.40 12.59 -0.95
N ILE A 51 -7.67 13.69 -0.76
CA ILE A 51 -8.16 14.86 -0.03
C ILE A 51 -7.90 16.10 -0.87
N ASN A 52 -8.89 17.00 -0.91
CA ASN A 52 -8.83 18.28 -1.60
C ASN A 52 -8.24 19.33 -0.65
N PRO A 53 -6.97 19.72 -0.83
CA PRO A 53 -6.36 20.67 0.12
C PRO A 53 -7.01 22.04 0.12
N ASN A 54 -7.68 22.44 -0.96
CA ASN A 54 -8.29 23.76 -0.99
C ASN A 54 -9.63 23.78 -0.27
N SER A 55 -10.53 22.87 -0.65
CA SER A 55 -11.86 22.83 -0.06
C SER A 55 -11.93 21.98 1.21
N GLY A 56 -10.95 21.11 1.43
CA GLY A 56 -11.01 20.17 2.53
C GLY A 56 -11.80 18.92 2.26
N GLY A 57 -12.45 18.81 1.10
CA GLY A 57 -13.23 17.64 0.80
C GLY A 57 -12.38 16.39 0.63
N THR A 58 -13.03 15.24 0.80
CA THR A 58 -12.34 13.95 0.73
C THR A 58 -13.18 12.97 -0.06
N ASN A 59 -12.55 11.86 -0.46
CA ASN A 59 -13.24 10.77 -1.14
C ASN A 59 -12.50 9.49 -0.79
N TYR A 60 -12.96 8.79 0.23
CA TYR A 60 -12.35 7.53 0.62
C TYR A 60 -12.97 6.37 -0.16
N ALA A 61 -12.21 5.30 -0.28
CA ALA A 61 -12.74 4.08 -0.88
C ALA A 61 -13.76 3.45 0.06
N GLN A 62 -14.66 2.66 -0.50
CA GLN A 62 -15.69 2.02 0.31
C GLN A 62 -15.08 1.05 1.31
N LYS A 63 -13.94 0.45 0.98
CA LYS A 63 -13.29 -0.50 1.88
C LYS A 63 -12.84 0.19 3.16
N PHE A 64 -12.54 1.49 3.10
CA PHE A 64 -12.04 2.23 4.24
C PHE A 64 -13.02 3.26 4.79
N GLN A 65 -14.21 3.37 4.19
CA GLN A 65 -15.18 4.36 4.64
C GLN A 65 -15.60 4.10 6.08
N GLY A 66 -15.21 5.01 6.99
CA GLY A 66 -15.48 4.89 8.40
C GLY A 66 -14.25 4.62 9.24
N TRP A 67 -13.18 4.10 8.64
CA TRP A 67 -11.96 3.79 9.37
C TRP A 67 -10.83 4.80 9.12
N VAL A 68 -10.99 5.70 8.16
CA VAL A 68 -9.94 6.61 7.76
C VAL A 68 -10.47 8.04 7.80
N THR A 69 -9.61 8.98 8.19
CA THR A 69 -9.93 10.40 8.17
C THR A 69 -8.72 11.15 7.64
N MET A 70 -8.92 11.93 6.58
CA MET A 70 -7.85 12.69 5.95
C MET A 70 -8.09 14.17 6.20
N THR A 71 -7.08 14.84 6.76
CA THR A 71 -7.10 16.28 6.99
C THR A 71 -5.84 16.89 6.41
N ARG A 72 -5.80 18.22 6.36
CA ARG A 72 -4.62 18.94 5.93
C ARG A 72 -4.48 20.21 6.74
N ASP A 73 -3.24 20.67 6.87
CA ASP A 73 -2.92 21.87 7.63
C ASP A 73 -2.20 22.84 6.70
N THR A 74 -2.93 23.83 6.20
CA THR A 74 -2.38 24.75 5.20
C THR A 74 -1.27 25.63 5.76
N SER A 75 -1.25 25.85 7.07
CA SER A 75 -0.20 26.66 7.67
C SER A 75 1.17 26.00 7.60
N ILE A 76 1.22 24.67 7.48
CA ILE A 76 2.47 23.93 7.40
C ILE A 76 2.58 23.06 6.17
N SER A 77 1.60 23.13 5.25
CA SER A 77 1.63 22.37 3.99
C SER A 77 1.80 20.87 4.25
N THR A 78 1.09 20.36 5.25
CA THR A 78 1.16 18.96 5.64
C THR A 78 -0.23 18.34 5.57
N ALA A 79 -0.32 17.17 4.94
CA ALA A 79 -1.55 16.41 4.87
C ALA A 79 -1.51 15.28 5.90
N HIS A 80 -2.58 15.13 6.66
CA HIS A 80 -2.67 14.13 7.71
C HIS A 80 -3.70 13.07 7.34
N MET A 81 -3.39 11.82 7.65
CA MET A 81 -4.33 10.71 7.49
C MET A 81 -4.32 9.90 8.77
N GLU A 82 -5.47 9.81 9.42
CA GLU A 82 -5.61 9.05 10.65
C GLU A 82 -6.39 7.77 10.37
N LEU A 83 -5.91 6.66 10.92
CA LEU A 83 -6.58 5.36 10.81
C LEU A 83 -6.94 4.89 12.21
N ARG A 84 -8.22 4.65 12.45
CA ARG A 84 -8.73 4.24 13.74
C ARG A 84 -9.12 2.77 13.72
N ARG A 85 -9.33 2.24 14.92
CA ARG A 85 -9.68 0.83 15.11
C ARG A 85 -8.65 -0.07 14.44
N LEU A 86 -7.39 0.12 14.81
CA LEU A 86 -6.29 -0.59 14.19
C LEU A 86 -6.36 -2.08 14.50
N ARG A 87 -5.94 -2.88 13.52
CA ARG A 87 -5.95 -4.33 13.62
C ARG A 87 -4.58 -4.88 13.22
N SER A 88 -4.36 -6.16 13.50
CA SER A 88 -3.07 -6.76 13.21
C SER A 88 -2.83 -6.88 11.70
N ASP A 89 -3.90 -6.98 10.91
CA ASP A 89 -3.78 -7.10 9.47
C ASP A 89 -3.56 -5.77 8.77
N ASP A 90 -3.52 -4.66 9.52
CA ASP A 90 -3.25 -3.34 8.95
C ASP A 90 -1.76 -3.01 8.90
N ARG A 91 -0.89 -3.97 9.21
CA ARG A 91 0.54 -3.75 9.14
C ARG A 91 0.96 -3.62 7.68
N ALA A 92 1.38 -2.42 7.28
CA ALA A 92 1.72 -2.14 5.89
C ALA A 92 2.56 -0.86 5.84
N VAL A 93 2.88 -0.42 4.63
CA VAL A 93 3.55 0.86 4.40
C VAL A 93 2.58 1.78 3.70
N TYR A 94 2.47 3.01 4.18
CA TYR A 94 1.50 3.98 3.68
C TYR A 94 2.24 5.11 2.95
N TYR A 95 1.95 5.24 1.65
CA TYR A 95 2.53 6.29 0.81
C TYR A 95 1.50 7.40 0.59
N CYS A 96 1.97 8.64 0.59
CA CYS A 96 1.20 9.75 0.05
C CYS A 96 1.71 10.07 -1.34
N ALA A 97 0.78 10.31 -2.27
CA ALA A 97 1.12 10.50 -3.67
C ALA A 97 0.41 11.73 -4.21
N ARG A 98 1.12 12.46 -5.06
CA ARG A 98 0.57 13.61 -5.78
C ARG A 98 0.63 13.33 -7.27
N GLY A 99 -0.41 13.73 -7.99
CA GLY A 99 -0.45 13.49 -9.42
C GLY A 99 0.28 14.55 -10.21
N VAL A 100 0.48 14.26 -11.50
CA VAL A 100 1.01 15.26 -12.41
C VAL A 100 -0.09 16.22 -12.84
N VAL A 101 -1.33 15.74 -12.87
CA VAL A 101 -2.50 16.57 -13.15
C VAL A 101 -3.01 17.11 -11.82
N HIS A 102 -3.77 18.21 -11.89
CA HIS A 102 -4.32 18.82 -10.68
C HIS A 102 -5.11 17.81 -9.85
N SER A 103 -5.95 17.02 -10.52
CA SER A 103 -6.77 16.01 -9.85
C SER A 103 -6.73 14.70 -10.62
N GLY A 104 -5.58 14.36 -11.17
CA GLY A 104 -5.43 13.12 -11.90
C GLY A 104 -4.96 11.98 -11.03
N PHE A 105 -5.23 10.76 -11.51
CA PHE A 105 -4.80 9.56 -10.81
C PHE A 105 -3.44 9.06 -11.25
N GLU A 106 -2.76 9.76 -12.16
CA GLU A 106 -1.41 9.40 -12.56
C GLU A 106 -0.44 10.00 -11.55
N PHE A 107 -0.02 9.19 -10.58
CA PHE A 107 0.82 9.64 -9.48
C PHE A 107 2.26 9.78 -9.98
N GLY A 108 2.77 11.01 -9.99
CA GLY A 108 4.12 11.24 -10.45
C GLY A 108 5.07 11.64 -9.35
N TYR A 109 4.55 11.79 -8.12
CA TYR A 109 5.35 12.21 -6.99
C TYR A 109 4.91 11.44 -5.76
N TRP A 110 5.87 10.82 -5.07
CA TRP A 110 5.58 9.94 -3.95
C TRP A 110 6.42 10.34 -2.75
N GLY A 111 5.88 10.09 -1.55
CA GLY A 111 6.66 10.16 -0.34
C GLY A 111 7.52 8.92 -0.16
N GLN A 112 8.40 8.98 0.83
CA GLN A 112 9.30 7.86 1.08
C GLN A 112 8.62 6.67 1.74
N GLY A 113 7.39 6.83 2.21
CA GLY A 113 6.68 5.75 2.86
C GLY A 113 6.80 5.80 4.36
N THR A 114 5.77 5.32 5.05
CA THR A 114 5.73 5.27 6.51
C THR A 114 5.37 3.85 6.93
N LEU A 115 6.31 3.17 7.57
CA LEU A 115 6.06 1.81 8.06
C LEU A 115 5.25 1.89 9.35
N VAL A 116 4.09 1.24 9.35
CA VAL A 116 3.20 1.22 10.51
C VAL A 116 2.91 -0.23 10.86
N THR A 117 3.36 -0.66 12.02
CA THR A 117 3.12 -2.02 12.51
C THR A 117 2.19 -1.98 13.70
N VAL A 118 1.25 -2.93 13.75
CA VAL A 118 0.30 -3.05 14.85
C VAL A 118 0.58 -4.35 15.57
N SER A 119 0.96 -4.25 16.84
CA SER A 119 1.32 -5.42 17.63
C SER A 119 1.03 -5.15 19.10
N SER A 120 0.74 -6.23 19.83
CA SER A 120 0.53 -6.17 21.27
C SER A 120 1.84 -6.30 22.06
N ALA A 121 2.95 -6.60 21.39
CA ALA A 121 4.20 -6.85 22.08
C ALA A 121 4.83 -5.55 22.59
N SER A 122 5.73 -5.71 23.56
CA SER A 122 6.47 -4.60 24.14
C SER A 122 7.94 -4.68 23.74
N THR A 123 8.62 -3.55 23.85
CA THR A 123 10.03 -3.46 23.45
C THR A 123 10.87 -4.45 24.24
N LYS A 124 11.60 -5.31 23.54
CA LYS A 124 12.43 -6.34 24.15
C LYS A 124 13.69 -6.53 23.33
N GLY A 125 14.83 -6.57 24.00
CA GLY A 125 16.09 -6.81 23.35
C GLY A 125 16.20 -8.23 22.83
N PRO A 126 17.07 -8.45 21.86
CA PRO A 126 17.19 -9.77 21.24
C PRO A 126 18.02 -10.73 22.07
N SER A 127 17.72 -12.01 21.89
CA SER A 127 18.51 -13.10 22.46
C SER A 127 19.35 -13.69 21.32
N VAL A 128 20.66 -13.51 21.39
CA VAL A 128 21.57 -13.89 20.31
C VAL A 128 22.16 -15.25 20.62
N PHE A 129 21.99 -16.18 19.69
CA PHE A 129 22.51 -17.54 19.82
C PHE A 129 23.37 -17.88 18.62
N PRO A 130 24.48 -18.57 18.82
CA PRO A 130 25.39 -18.86 17.72
C PRO A 130 24.97 -20.09 16.92
N LEU A 131 25.35 -20.10 15.65
CA LEU A 131 25.16 -21.23 14.75
C LEU A 131 26.55 -21.80 14.48
N ALA A 132 26.94 -22.79 15.26
CA ALA A 132 28.31 -23.29 15.24
C ALA A 132 28.55 -24.14 13.99
N PRO A 133 29.68 -23.94 13.31
CA PRO A 133 30.02 -24.82 12.19
C PRO A 133 30.64 -26.13 12.67
N SER A 134 30.44 -27.17 11.89
CA SER A 134 30.96 -28.49 12.21
C SER A 134 31.04 -29.30 10.92
N SER A 135 31.14 -30.63 11.05
CA SER A 135 31.06 -31.49 9.87
C SER A 135 29.71 -31.39 9.19
N LYS A 136 28.66 -31.06 9.95
CA LYS A 136 27.33 -30.89 9.39
C LYS A 136 27.17 -29.57 8.63
N SER A 137 28.19 -28.72 8.63
CA SER A 137 28.14 -27.43 7.94
C SER A 137 29.33 -27.23 7.01
N THR A 138 29.95 -28.30 6.56
CA THR A 138 31.08 -28.20 5.64
C THR A 138 30.78 -28.89 4.32
N SER A 139 29.74 -28.42 3.63
CA SER A 139 29.36 -28.97 2.33
C SER A 139 30.44 -28.59 1.31
N GLY A 140 31.32 -29.53 1.01
CA GLY A 140 32.40 -29.28 0.06
C GLY A 140 33.62 -28.67 0.72
N GLY A 141 34.32 -27.79 0.01
CA GLY A 141 35.51 -27.17 0.55
C GLY A 141 35.27 -25.93 1.39
N THR A 142 34.03 -25.45 1.45
CA THR A 142 33.68 -24.26 2.22
C THR A 142 32.80 -24.65 3.40
N ALA A 143 32.75 -23.76 4.38
CA ALA A 143 31.99 -23.97 5.60
C ALA A 143 31.07 -22.78 5.85
N ALA A 144 30.06 -23.00 6.68
CA ALA A 144 29.06 -21.97 6.98
C ALA A 144 28.90 -21.82 8.48
N LEU A 145 28.69 -20.58 8.92
CA LEU A 145 28.47 -20.26 10.32
C LEU A 145 27.66 -18.97 10.40
N GLY A 146 26.93 -18.81 11.50
CA GLY A 146 26.07 -17.65 11.61
C GLY A 146 25.64 -17.38 13.04
N CYS A 147 24.78 -16.37 13.18
CA CYS A 147 24.20 -15.98 14.46
C CYS A 147 22.69 -15.94 14.33
N LEU A 148 22.01 -16.38 15.39
CA LEU A 148 20.56 -16.44 15.43
C LEU A 148 20.06 -15.34 16.36
N VAL A 149 19.50 -14.28 15.79
CA VAL A 149 18.93 -13.17 16.55
C VAL A 149 17.45 -13.46 16.75
N LYS A 150 17.06 -13.70 18.00
CA LYS A 150 15.73 -14.24 18.29
C LYS A 150 15.03 -13.40 19.36
N ASP A 151 13.73 -13.22 19.18
CA ASP A 151 12.82 -12.61 20.17
C ASP A 151 13.24 -11.17 20.49
N TYR A 152 13.07 -10.31 19.48
CA TYR A 152 13.29 -8.88 19.65
C TYR A 152 12.10 -8.10 19.08
N PHE A 153 11.94 -6.88 19.59
CA PHE A 153 10.85 -6.01 19.17
C PHE A 153 11.12 -4.60 19.65
N PRO A 154 10.88 -3.57 18.81
CA PRO A 154 10.46 -3.74 17.42
C PRO A 154 11.64 -3.73 16.46
N GLU A 155 11.36 -3.77 15.16
CA GLU A 155 12.40 -3.62 14.16
C GLU A 155 12.94 -2.19 14.19
N PRO A 156 14.18 -1.98 13.70
CA PRO A 156 15.09 -2.95 13.08
C PRO A 156 16.19 -3.44 14.01
N VAL A 157 17.09 -4.24 13.45
CA VAL A 157 18.29 -4.69 14.16
C VAL A 157 19.40 -4.86 13.13
N THR A 158 20.60 -4.42 13.50
CA THR A 158 21.77 -4.48 12.63
C THR A 158 22.70 -5.59 13.09
N VAL A 159 23.21 -6.36 12.13
CA VAL A 159 24.11 -7.46 12.38
C VAL A 159 25.42 -7.20 11.65
N SER A 160 26.52 -7.22 12.39
CA SER A 160 27.85 -7.04 11.82
C SER A 160 28.72 -8.21 12.23
N TRP A 161 29.72 -8.52 11.39
CA TRP A 161 30.63 -9.63 11.63
C TRP A 161 32.04 -9.07 11.74
N ASN A 162 32.67 -9.30 12.89
CA ASN A 162 34.02 -8.79 13.19
C ASN A 162 34.10 -7.28 13.02
N SER A 163 33.01 -6.58 13.35
CA SER A 163 32.93 -5.12 13.29
C SER A 163 33.27 -4.61 11.89
N GLY A 164 32.45 -5.02 10.92
CA GLY A 164 32.59 -4.57 9.55
C GLY A 164 33.79 -5.09 8.80
N ALA A 165 34.70 -5.80 9.46
CA ALA A 165 35.88 -6.34 8.80
C ALA A 165 35.59 -7.58 7.97
N LEU A 166 34.38 -8.14 8.08
CA LEU A 166 34.00 -9.33 7.33
C LEU A 166 32.67 -9.07 6.65
N THR A 167 32.71 -8.86 5.33
CA THR A 167 31.50 -8.64 4.54
C THR A 167 31.33 -9.61 3.40
N SER A 168 32.41 -10.17 2.86
CA SER A 168 32.31 -11.11 1.75
C SER A 168 31.68 -12.42 2.21
N GLY A 169 30.63 -12.85 1.50
CA GLY A 169 29.94 -14.08 1.83
C GLY A 169 28.88 -13.94 2.91
N VAL A 170 28.68 -12.75 3.46
CA VAL A 170 27.72 -12.55 4.52
C VAL A 170 26.31 -12.46 3.93
N HIS A 171 25.36 -13.15 4.57
CA HIS A 171 23.96 -13.08 4.21
C HIS A 171 23.14 -12.90 5.48
N THR A 172 22.48 -11.75 5.60
CA THR A 172 21.59 -11.48 6.71
C THR A 172 20.15 -11.57 6.20
N PHE A 173 19.43 -12.59 6.67
CA PHE A 173 18.09 -12.88 6.18
C PHE A 173 17.08 -11.88 6.73
N PRO A 174 16.02 -11.60 5.97
CA PRO A 174 14.98 -10.70 6.47
C PRO A 174 14.30 -11.26 7.71
N ALA A 175 13.83 -10.35 8.56
CA ALA A 175 13.18 -10.76 9.80
C ALA A 175 11.82 -11.38 9.52
N VAL A 176 11.46 -12.39 10.32
CA VAL A 176 10.18 -13.07 10.21
C VAL A 176 9.45 -12.91 11.54
N LEU A 177 8.17 -12.56 11.47
CA LEU A 177 7.35 -12.39 12.67
C LEU A 177 6.93 -13.76 13.20
N GLN A 178 7.28 -14.05 14.44
CA GLN A 178 6.91 -15.34 15.02
C GLN A 178 5.51 -15.28 15.62
N SER A 179 4.97 -16.46 15.92
CA SER A 179 3.62 -16.55 16.45
C SER A 179 3.48 -15.86 17.81
N SER A 180 4.58 -15.67 18.53
CA SER A 180 4.56 -14.97 19.81
C SER A 180 4.50 -13.45 19.66
N GLY A 181 4.58 -12.93 18.45
CA GLY A 181 4.58 -11.51 18.22
C GLY A 181 5.95 -10.86 18.20
N LEU A 182 7.02 -11.62 18.38
CA LEU A 182 8.37 -11.11 18.36
C LEU A 182 9.05 -11.44 17.04
N TYR A 183 9.97 -10.58 16.63
CA TYR A 183 10.70 -10.78 15.39
C TYR A 183 11.90 -11.71 15.62
N SER A 184 12.48 -12.18 14.52
CA SER A 184 13.62 -13.09 14.56
C SER A 184 14.23 -13.16 13.18
N LEU A 185 15.57 -13.20 13.13
CA LEU A 185 16.27 -13.39 11.87
C LEU A 185 17.54 -14.21 12.14
N SER A 186 18.20 -14.58 11.05
CA SER A 186 19.49 -15.25 11.11
C SER A 186 20.43 -14.58 10.12
N SER A 187 21.69 -14.43 10.53
CA SER A 187 22.73 -13.87 9.67
C SER A 187 23.86 -14.88 9.57
N VAL A 188 24.14 -15.35 8.36
CA VAL A 188 25.14 -16.37 8.12
C VAL A 188 26.27 -15.79 7.28
N VAL A 189 27.36 -16.55 7.19
CA VAL A 189 28.51 -16.16 6.39
C VAL A 189 29.30 -17.43 6.07
N THR A 190 29.76 -17.53 4.83
CA THR A 190 30.49 -18.70 4.35
C THR A 190 31.97 -18.37 4.21
N VAL A 191 32.81 -19.22 4.80
CA VAL A 191 34.25 -19.04 4.79
C VAL A 191 34.90 -20.33 4.34
N PRO A 192 36.16 -20.28 3.90
CA PRO A 192 36.87 -21.52 3.58
C PRO A 192 36.98 -22.42 4.81
N SER A 193 37.00 -23.74 4.56
CA SER A 193 37.05 -24.69 5.67
C SER A 193 38.36 -24.58 6.43
N SER A 194 39.44 -24.19 5.76
CA SER A 194 40.73 -24.07 6.41
C SER A 194 40.75 -22.93 7.43
N SER A 195 39.90 -21.92 7.24
CA SER A 195 39.89 -20.74 8.10
C SER A 195 39.15 -20.97 9.42
N LEU A 196 38.54 -22.13 9.62
CA LEU A 196 37.84 -22.38 10.87
C LEU A 196 38.81 -22.53 12.03
N GLY A 197 39.95 -23.18 11.80
CA GLY A 197 40.96 -23.38 12.82
C GLY A 197 41.99 -22.28 12.93
N THR A 198 41.85 -21.21 12.16
CA THR A 198 42.78 -20.09 12.18
C THR A 198 42.11 -18.74 12.42
N GLN A 199 40.86 -18.56 12.03
CA GLN A 199 40.16 -17.30 12.15
C GLN A 199 39.09 -17.38 13.24
N THR A 200 38.91 -16.30 13.97
CA THR A 200 37.85 -16.17 14.96
C THR A 200 36.76 -15.27 14.41
N TYR A 201 35.52 -15.63 14.66
CA TYR A 201 34.36 -14.92 14.10
C TYR A 201 33.44 -14.49 15.23
N ILE A 202 33.25 -13.19 15.36
CA ILE A 202 32.35 -12.61 16.36
C ILE A 202 31.32 -11.77 15.63
N CYS A 203 30.04 -12.03 15.89
CA CYS A 203 28.95 -11.27 15.29
C CYS A 203 28.50 -10.19 16.26
N ASN A 204 28.23 -8.99 15.72
CA ASN A 204 27.85 -7.84 16.50
C ASN A 204 26.39 -7.50 16.20
N VAL A 205 25.51 -7.80 17.14
CA VAL A 205 24.08 -7.53 17.02
C VAL A 205 23.77 -6.24 17.75
N ASN A 206 23.00 -5.37 17.12
CA ASN A 206 22.77 -4.02 17.62
C ASN A 206 21.30 -3.67 17.49
N HIS A 207 20.63 -3.48 18.63
CA HIS A 207 19.20 -3.16 18.67
C HIS A 207 19.04 -1.76 19.28
N LYS A 208 18.57 -0.81 18.47
CA LYS A 208 18.48 0.59 18.87
C LYS A 208 17.27 0.85 19.78
N PRO A 209 16.06 0.37 19.47
CA PRO A 209 14.92 0.66 20.35
C PRO A 209 15.10 0.18 21.78
N SER A 210 15.64 -1.01 21.98
CA SER A 210 15.87 -1.54 23.32
C SER A 210 17.22 -1.13 23.89
N ASN A 211 18.11 -0.58 23.08
CA ASN A 211 19.44 -0.12 23.51
C ASN A 211 20.23 -1.28 24.10
N THR A 212 20.22 -2.42 23.41
CA THR A 212 20.93 -3.61 23.82
C THR A 212 21.89 -4.01 22.72
N LYS A 213 23.18 -4.11 23.04
CA LYS A 213 24.24 -4.42 22.08
C LYS A 213 24.90 -5.73 22.50
N VAL A 214 24.75 -6.76 21.67
CA VAL A 214 25.17 -8.12 22.01
C VAL A 214 26.28 -8.54 21.07
N ASP A 215 27.32 -9.16 21.64
CA ASP A 215 28.43 -9.72 20.88
C ASP A 215 28.57 -11.20 21.24
N LYS A 216 28.59 -12.04 20.22
CA LYS A 216 28.72 -13.48 20.40
C LYS A 216 29.86 -14.01 19.53
N LYS A 217 30.72 -14.83 20.13
CA LYS A 217 31.81 -15.48 19.40
C LYS A 217 31.37 -16.87 18.99
N VAL A 218 31.47 -17.16 17.69
CA VAL A 218 31.08 -18.45 17.14
C VAL A 218 32.32 -19.32 17.03
N GLU A 219 32.23 -20.55 17.54
CA GLU A 219 33.34 -21.48 17.54
C GLU A 219 32.99 -22.76 16.79
N PRO A 220 33.98 -23.41 16.17
CA PRO A 220 33.69 -24.62 15.38
C PRO A 220 33.32 -25.80 16.28
N LYS A 221 32.77 -26.83 15.63
CA LYS A 221 32.37 -28.07 16.28
C LYS A 221 31.46 -27.82 17.49
N SER B 9 3.69 -15.21 -11.44
CA SER B 9 3.84 -13.89 -12.03
C SER B 9 5.27 -13.40 -11.93
N THR B 10 6.22 -14.31 -12.08
CA THR B 10 7.63 -14.00 -12.08
C THR B 10 8.19 -14.17 -13.50
N LEU B 11 9.12 -13.30 -13.88
CA LEU B 11 9.67 -13.28 -15.21
C LEU B 11 11.19 -13.35 -15.12
N SER B 12 11.78 -14.41 -15.68
CA SER B 12 13.24 -14.59 -15.68
C SER B 12 13.78 -14.23 -17.06
N ALA B 13 14.44 -13.09 -17.16
CA ALA B 13 14.99 -12.60 -18.40
C ALA B 13 16.43 -12.14 -18.20
N SER B 14 17.18 -12.10 -19.29
CA SER B 14 18.57 -11.68 -19.28
C SER B 14 18.71 -10.26 -19.84
N VAL B 15 19.93 -9.73 -19.73
CA VAL B 15 20.21 -8.39 -20.24
C VAL B 15 20.18 -8.42 -21.75
N GLY B 16 19.32 -7.61 -22.35
CA GLY B 16 19.14 -7.57 -23.78
C GLY B 16 17.86 -8.23 -24.28
N ASP B 17 17.15 -8.97 -23.42
CA ASP B 17 15.92 -9.60 -23.87
C ASP B 17 14.79 -8.58 -23.97
N ARG B 18 13.75 -8.96 -24.71
CA ARG B 18 12.58 -8.13 -24.89
C ARG B 18 11.46 -8.64 -24.00
N VAL B 19 10.78 -7.71 -23.32
CA VAL B 19 9.76 -8.04 -22.34
C VAL B 19 8.48 -7.30 -22.70
N THR B 20 7.37 -8.02 -22.76
CA THR B 20 6.05 -7.42 -22.99
C THR B 20 5.12 -7.91 -21.88
N ILE B 21 4.75 -7.01 -20.98
CA ILE B 21 3.83 -7.29 -19.88
C ILE B 21 2.44 -6.84 -20.29
N THR B 22 1.47 -7.74 -20.21
CA THR B 22 0.09 -7.45 -20.61
C THR B 22 -0.79 -7.25 -19.39
N CYS B 23 -1.62 -6.20 -19.43
CA CYS B 23 -2.53 -5.86 -18.34
C CYS B 23 -3.95 -5.88 -18.89
N ARG B 24 -4.79 -6.70 -18.29
CA ARG B 24 -6.19 -6.83 -18.71
C ARG B 24 -7.04 -5.89 -17.85
N ALA B 25 -7.62 -4.87 -18.48
CA ALA B 25 -8.42 -3.88 -17.78
C ALA B 25 -9.67 -3.58 -18.61
N SER B 26 -10.40 -2.55 -18.22
CA SER B 26 -11.61 -2.13 -18.92
C SER B 26 -11.27 -1.13 -20.02
N GLN B 27 -12.10 -1.12 -21.06
CA GLN B 27 -11.87 -0.23 -22.18
C GLN B 27 -12.18 1.20 -21.81
N SER B 28 -11.34 2.13 -22.27
CA SER B 28 -11.46 3.54 -21.96
C SER B 28 -11.52 4.35 -23.24
N ILE B 29 -12.32 5.41 -23.23
CA ILE B 29 -12.38 6.33 -24.36
C ILE B 29 -11.02 6.99 -24.58
N SER B 30 -10.37 7.42 -23.49
CA SER B 30 -9.07 8.07 -23.55
C SER B 30 -7.92 7.10 -23.31
N ASN B 31 -8.20 5.80 -23.25
CA ASN B 31 -7.19 4.76 -22.98
C ASN B 31 -6.43 5.06 -21.70
N TRP B 32 -7.19 5.17 -20.61
CA TRP B 32 -6.61 5.47 -19.30
C TRP B 32 -5.91 4.22 -18.76
N LEU B 33 -4.59 4.24 -18.77
CA LEU B 33 -3.79 3.12 -18.27
C LEU B 33 -2.40 3.63 -17.95
N ALA B 34 -1.95 3.42 -16.72
CA ALA B 34 -0.65 3.87 -16.25
C ALA B 34 0.19 2.70 -15.79
N TRP B 35 1.50 2.82 -15.94
CA TRP B 35 2.45 1.79 -15.53
C TRP B 35 3.41 2.36 -14.50
N TYR B 36 3.84 1.51 -13.57
CA TYR B 36 4.74 1.91 -12.50
C TYR B 36 5.85 0.89 -12.34
N GLN B 37 7.01 1.37 -11.91
CA GLN B 37 8.16 0.53 -11.57
C GLN B 37 8.50 0.75 -10.11
N GLN B 38 8.74 -0.33 -9.38
CA GLN B 38 9.04 -0.27 -7.96
C GLN B 38 10.24 -1.13 -7.65
N LYS B 39 11.20 -0.57 -6.94
CA LYS B 39 12.37 -1.27 -6.41
C LYS B 39 12.10 -1.75 -4.99
N PRO B 40 12.88 -2.71 -4.49
CA PRO B 40 12.70 -3.15 -3.11
C PRO B 40 12.94 -2.02 -2.12
N GLY B 41 11.95 -1.77 -1.27
CA GLY B 41 12.08 -0.76 -0.24
C GLY B 41 12.05 0.68 -0.74
N LYS B 42 11.54 0.90 -1.94
CA LYS B 42 11.46 2.25 -2.51
C LYS B 42 10.05 2.49 -3.03
N ALA B 43 9.71 3.78 -3.15
CA ALA B 43 8.39 4.18 -3.63
C ALA B 43 8.29 3.96 -5.14
N PRO B 44 7.09 3.67 -5.64
CA PRO B 44 6.92 3.46 -7.08
C PRO B 44 7.26 4.71 -7.89
N LYS B 45 7.64 4.48 -9.14
CA LYS B 45 7.91 5.55 -10.10
C LYS B 45 7.00 5.40 -11.31
N LEU B 46 6.42 6.51 -11.75
CA LEU B 46 5.53 6.50 -12.90
C LEU B 46 6.35 6.39 -14.19
N LEU B 47 6.03 5.39 -15.01
CA LEU B 47 6.71 5.16 -16.28
C LEU B 47 5.91 5.63 -17.49
N ILE B 48 4.61 5.40 -17.50
CA ILE B 48 3.77 5.67 -18.66
C ILE B 48 2.38 6.05 -18.17
N TYR B 49 1.81 7.10 -18.78
CA TYR B 49 0.41 7.45 -18.58
C TYR B 49 -0.31 7.39 -19.92
N LYS B 50 -1.64 7.23 -19.85
CA LYS B 50 -2.50 7.19 -21.04
C LYS B 50 -2.01 6.14 -22.04
N ALA B 51 -1.72 4.95 -21.52
CA ALA B 51 -1.35 3.77 -22.31
C ALA B 51 -0.01 3.92 -23.04
N SER B 52 0.13 4.96 -23.87
CA SER B 52 1.26 5.06 -24.77
C SER B 52 2.26 6.16 -24.42
N SER B 53 1.80 7.28 -23.87
CA SER B 53 2.69 8.43 -23.67
C SER B 53 3.68 8.17 -22.55
N LEU B 54 4.95 8.50 -22.81
CA LEU B 54 6.04 8.23 -21.89
C LEU B 54 6.13 9.35 -20.84
N GLU B 55 7.11 9.22 -19.95
CA GLU B 55 7.35 10.17 -18.88
C GLU B 55 8.75 10.77 -19.02
N SER B 56 8.87 12.05 -18.70
CA SER B 56 10.17 12.71 -18.75
C SER B 56 11.11 12.12 -17.72
N GLY B 57 12.34 11.85 -18.12
CA GLY B 57 13.28 11.17 -17.27
C GLY B 57 13.20 9.66 -17.32
N VAL B 58 12.47 9.11 -18.29
CA VAL B 58 12.33 7.67 -18.46
C VAL B 58 12.99 7.29 -19.79
N PRO B 59 13.84 6.28 -19.83
CA PRO B 59 14.54 5.94 -21.08
C PRO B 59 13.56 5.55 -22.18
N SER B 60 14.01 5.72 -23.42
CA SER B 60 13.18 5.44 -24.58
C SER B 60 12.91 3.96 -24.77
N ARG B 61 13.64 3.08 -24.09
CA ARG B 61 13.41 1.65 -24.24
C ARG B 61 12.07 1.20 -23.66
N PHE B 62 11.39 2.06 -22.91
CA PHE B 62 10.06 1.78 -22.42
C PHE B 62 9.02 2.29 -23.42
N SER B 63 7.96 1.51 -23.61
CA SER B 63 6.90 1.89 -24.53
C SER B 63 5.62 1.16 -24.13
N GLY B 64 4.50 1.68 -24.60
CA GLY B 64 3.21 1.09 -24.29
C GLY B 64 2.26 1.25 -25.44
N SER B 65 1.30 0.33 -25.53
CA SER B 65 0.26 0.39 -26.56
C SER B 65 -1.01 -0.23 -26.00
N GLY B 66 -2.14 0.42 -26.25
CA GLY B 66 -3.40 -0.07 -25.72
C GLY B 66 -4.56 0.09 -26.67
N SER B 67 -5.07 -1.03 -27.19
CA SER B 67 -6.24 -1.04 -28.06
C SER B 67 -7.36 -1.80 -27.34
N GLY B 68 -8.46 -1.12 -27.09
CA GLY B 68 -9.60 -1.73 -26.44
C GLY B 68 -9.35 -2.06 -24.98
N THR B 69 -9.24 -3.36 -24.68
CA THR B 69 -9.07 -3.82 -23.30
C THR B 69 -7.71 -4.47 -23.05
N GLU B 70 -6.86 -4.57 -24.06
CA GLU B 70 -5.52 -5.13 -23.89
C GLU B 70 -4.50 -3.99 -23.91
N PHE B 71 -3.80 -3.82 -22.79
CA PHE B 71 -2.75 -2.82 -22.66
C PHE B 71 -1.45 -3.54 -22.32
N THR B 72 -0.37 -3.17 -23.00
CA THR B 72 0.92 -3.84 -22.82
C THR B 72 2.01 -2.82 -22.56
N LEU B 73 2.92 -3.17 -21.66
CA LEU B 73 4.16 -2.44 -21.45
C LEU B 73 5.30 -3.25 -22.05
N THR B 74 6.18 -2.59 -22.79
CA THR B 74 7.26 -3.27 -23.49
C THR B 74 8.58 -2.59 -23.18
N ILE B 75 9.59 -3.40 -22.87
CA ILE B 75 10.97 -2.94 -22.71
C ILE B 75 11.76 -3.51 -23.88
N SER B 76 12.27 -2.64 -24.75
CA SER B 76 12.93 -3.10 -25.96
C SER B 76 14.17 -3.92 -25.66
N SER B 77 14.94 -3.50 -24.65
CA SER B 77 16.15 -4.22 -24.28
C SER B 77 16.40 -4.01 -22.79
N LEU B 78 16.34 -5.10 -22.02
CA LEU B 78 16.50 -5.00 -20.58
C LEU B 78 17.91 -4.60 -20.21
N GLN B 79 18.02 -3.58 -19.36
CA GLN B 79 19.27 -3.16 -18.76
C GLN B 79 19.29 -3.55 -17.28
N PRO B 80 20.47 -3.62 -16.67
CA PRO B 80 20.52 -4.03 -15.25
C PRO B 80 19.67 -3.18 -14.31
N ASP B 81 19.32 -1.95 -14.70
CA ASP B 81 18.50 -1.10 -13.87
C ASP B 81 17.02 -1.45 -13.96
N ASP B 82 16.60 -2.18 -14.99
CA ASP B 82 15.18 -2.42 -15.23
C ASP B 82 14.63 -3.60 -14.45
N PHE B 83 15.47 -4.38 -13.79
CA PHE B 83 15.00 -5.55 -13.04
C PHE B 83 14.31 -5.08 -11.76
N ALA B 84 12.97 -5.13 -11.78
CA ALA B 84 12.16 -4.64 -10.67
C ALA B 84 10.77 -5.25 -10.79
N THR B 85 9.78 -4.63 -10.13
CA THR B 85 8.40 -5.05 -10.16
C THR B 85 7.57 -3.97 -10.84
N TYR B 86 6.62 -4.39 -11.67
CA TYR B 86 5.84 -3.46 -12.50
C TYR B 86 4.35 -3.64 -12.22
N TYR B 87 3.67 -2.52 -11.97
CA TYR B 87 2.23 -2.50 -11.74
C TYR B 87 1.55 -1.68 -12.83
N CYS B 88 0.35 -2.09 -13.21
CA CYS B 88 -0.52 -1.28 -14.05
C CYS B 88 -1.66 -0.71 -13.20
N GLN B 89 -2.12 0.47 -13.58
CA GLN B 89 -3.13 1.20 -12.83
C GLN B 89 -4.20 1.72 -13.77
N GLN B 90 -5.46 1.56 -13.38
CA GLN B 90 -6.59 2.15 -14.08
C GLN B 90 -7.42 2.89 -13.04
N TYR B 91 -7.30 4.22 -13.02
CA TYR B 91 -7.94 5.09 -12.04
C TYR B 91 -7.48 4.67 -10.64
N GLU B 92 -8.37 4.30 -9.73
CA GLU B 92 -7.96 3.95 -8.38
C GLU B 92 -7.57 2.49 -8.23
N THR B 93 -7.78 1.67 -9.25
CA THR B 93 -7.52 0.24 -9.17
C THR B 93 -6.10 -0.06 -9.63
N PHE B 94 -5.36 -0.80 -8.81
CA PHE B 94 -4.03 -1.29 -9.17
C PHE B 94 -4.09 -2.79 -9.40
N GLY B 95 -3.19 -3.28 -10.26
CA GLY B 95 -3.13 -4.68 -10.60
C GLY B 95 -2.02 -5.42 -9.84
N GLN B 96 -1.98 -6.73 -10.07
CA GLN B 96 -0.96 -7.56 -9.46
C GLN B 96 0.41 -7.22 -10.04
N GLY B 97 1.44 -7.33 -9.21
CA GLY B 97 2.79 -7.02 -9.65
C GLY B 97 3.39 -8.13 -10.49
N THR B 98 4.29 -7.74 -11.38
CA THR B 98 5.05 -8.66 -12.21
C THR B 98 6.53 -8.41 -11.94
N LYS B 99 7.17 -9.33 -11.24
CA LYS B 99 8.58 -9.19 -10.88
C LYS B 99 9.46 -9.76 -11.99
N VAL B 100 10.43 -8.98 -12.44
CA VAL B 100 11.36 -9.39 -13.49
C VAL B 100 12.72 -9.59 -12.82
N GLU B 101 13.15 -10.84 -12.75
CA GLU B 101 14.42 -11.20 -12.12
C GLU B 101 15.48 -11.50 -13.18
N ILE B 102 16.72 -11.56 -12.72
CA ILE B 102 17.85 -11.86 -13.60
C ILE B 102 17.93 -13.37 -13.81
N LYS B 103 18.09 -13.79 -15.06
CA LYS B 103 18.22 -15.20 -15.39
C LYS B 103 19.70 -15.57 -15.47
N ARG B 104 20.06 -16.69 -14.85
CA ARG B 104 21.42 -17.20 -14.91
C ARG B 104 21.36 -18.73 -14.92
N THR B 105 22.54 -19.34 -14.95
CA THR B 105 22.62 -20.80 -14.98
C THR B 105 22.22 -21.40 -13.63
N VAL B 106 21.81 -22.66 -13.68
CA VAL B 106 21.36 -23.36 -12.47
C VAL B 106 22.55 -23.59 -11.54
N ALA B 107 22.39 -23.20 -10.29
CA ALA B 107 23.40 -23.40 -9.26
C ALA B 107 22.80 -24.20 -8.13
N ALA B 108 23.38 -25.35 -7.84
CA ALA B 108 22.84 -26.22 -6.79
C ALA B 108 23.05 -25.58 -5.42
N PRO B 109 22.12 -25.76 -4.48
CA PRO B 109 22.30 -25.15 -3.16
C PRO B 109 23.37 -25.87 -2.37
N SER B 110 23.98 -25.13 -1.44
CA SER B 110 24.91 -25.69 -0.47
C SER B 110 24.16 -25.81 0.85
N VAL B 111 23.93 -27.04 1.30
CA VAL B 111 23.05 -27.30 2.43
C VAL B 111 23.88 -27.37 3.71
N PHE B 112 23.43 -26.64 4.73
CA PHE B 112 24.06 -26.66 6.05
C PHE B 112 22.97 -26.74 7.11
N ILE B 113 23.25 -27.49 8.17
CA ILE B 113 22.32 -27.63 9.29
C ILE B 113 23.04 -27.26 10.58
N PHE B 114 22.33 -26.61 11.49
CA PHE B 114 22.89 -26.14 12.74
C PHE B 114 22.03 -26.63 13.90
N PRO B 115 22.57 -27.43 14.81
CA PRO B 115 21.80 -27.85 16.00
C PRO B 115 21.59 -26.68 16.93
N PRO B 116 20.64 -26.78 17.86
CA PRO B 116 20.43 -25.68 18.81
C PRO B 116 21.62 -25.53 19.74
N SER B 117 21.94 -24.27 20.06
CA SER B 117 23.11 -23.98 20.88
C SER B 117 22.88 -24.40 22.33
N ASP B 118 23.99 -24.70 23.01
CA ASP B 118 23.89 -25.02 24.44
C ASP B 118 23.35 -23.83 25.22
N GLU B 119 23.67 -22.61 24.80
CA GLU B 119 23.20 -21.42 25.49
C GLU B 119 21.69 -21.28 25.39
N GLN B 120 21.12 -21.69 24.26
CA GLN B 120 19.67 -21.61 24.07
C GLN B 120 18.92 -22.66 24.87
N LEU B 121 19.54 -23.81 25.12
CA LEU B 121 18.82 -24.95 25.69
C LEU B 121 18.63 -24.80 27.19
N LYS B 122 18.77 -23.57 27.68
CA LYS B 122 18.45 -23.22 29.05
C LYS B 122 17.11 -22.51 29.19
N SER B 123 16.56 -21.99 28.09
CA SER B 123 15.34 -21.20 28.14
C SER B 123 14.08 -22.02 27.92
N GLY B 124 14.18 -23.21 27.35
CA GLY B 124 13.02 -24.04 27.10
C GLY B 124 12.53 -24.08 25.67
N THR B 125 13.29 -23.55 24.72
CA THR B 125 12.91 -23.59 23.31
C THR B 125 14.15 -23.93 22.48
N ALA B 126 14.02 -24.93 21.61
CA ALA B 126 15.12 -25.38 20.77
C ALA B 126 14.86 -24.94 19.32
N SER B 127 15.92 -24.48 18.67
CA SER B 127 15.83 -23.97 17.30
C SER B 127 16.90 -24.62 16.45
N VAL B 128 16.47 -25.44 15.48
CA VAL B 128 17.36 -26.03 14.49
C VAL B 128 17.25 -25.21 13.20
N VAL B 129 18.38 -24.96 12.55
CA VAL B 129 18.43 -24.09 11.38
C VAL B 129 19.01 -24.87 10.21
N CYS B 130 18.30 -24.87 9.09
CA CYS B 130 18.76 -25.45 7.83
C CYS B 130 18.98 -24.32 6.84
N LEU B 131 20.15 -24.32 6.19
CA LEU B 131 20.58 -23.21 5.36
C LEU B 131 20.84 -23.69 3.94
N LEU B 132 20.24 -23.00 2.97
CA LEU B 132 20.47 -23.25 1.55
C LEU B 132 21.11 -21.99 0.98
N ASN B 133 22.36 -22.10 0.54
CA ASN B 133 23.17 -20.95 0.19
C ASN B 133 23.47 -20.94 -1.30
N ASN B 134 23.32 -19.76 -1.92
CA ASN B 134 23.71 -19.52 -3.30
C ASN B 134 23.12 -20.52 -4.28
N PHE B 135 21.84 -20.36 -4.61
CA PHE B 135 21.19 -21.26 -5.55
C PHE B 135 20.33 -20.46 -6.52
N TYR B 136 20.09 -21.07 -7.68
CA TYR B 136 19.22 -20.54 -8.71
C TYR B 136 18.62 -21.76 -9.41
N PRO B 137 17.30 -21.78 -9.68
CA PRO B 137 16.34 -20.72 -9.35
C PRO B 137 15.83 -20.74 -7.91
N ARG B 138 14.93 -19.81 -7.59
CA ARG B 138 14.40 -19.67 -6.23
C ARG B 138 13.60 -20.88 -5.77
N GLU B 139 13.05 -21.66 -6.69
CA GLU B 139 12.15 -22.75 -6.34
C GLU B 139 12.94 -23.88 -5.70
N ALA B 140 12.97 -23.91 -4.38
CA ALA B 140 13.61 -24.97 -3.62
C ALA B 140 12.63 -25.52 -2.59
N LYS B 141 12.87 -26.77 -2.19
CA LYS B 141 11.97 -27.46 -1.26
C LYS B 141 12.79 -28.04 -0.11
N VAL B 142 12.39 -27.72 1.11
CA VAL B 142 13.05 -28.18 2.33
C VAL B 142 12.05 -29.01 3.14
N GLN B 143 12.45 -30.22 3.49
CA GLN B 143 11.59 -31.15 4.23
C GLN B 143 12.28 -31.53 5.53
N TRP B 144 11.60 -31.28 6.65
CA TRP B 144 12.14 -31.61 7.97
C TRP B 144 11.73 -33.02 8.36
N LYS B 145 12.60 -33.67 9.14
CA LYS B 145 12.37 -35.02 9.62
C LYS B 145 12.83 -35.12 11.06
N VAL B 146 11.99 -35.70 11.92
CA VAL B 146 12.30 -35.93 13.32
C VAL B 146 12.07 -37.41 13.60
N ASP B 147 13.15 -38.14 13.86
CA ASP B 147 13.11 -39.60 14.01
C ASP B 147 12.43 -40.25 12.80
N ASN B 148 12.82 -39.79 11.61
CA ASN B 148 12.30 -40.29 10.34
C ASN B 148 10.78 -40.08 10.23
N ALA B 149 10.25 -39.09 10.93
CA ALA B 149 8.85 -38.70 10.83
C ALA B 149 8.78 -37.31 10.19
N LEU B 150 8.08 -37.22 9.06
CA LEU B 150 8.01 -35.97 8.32
C LEU B 150 7.26 -34.91 9.12
N GLN B 151 7.81 -33.70 9.15
CA GLN B 151 7.27 -32.60 9.93
C GLN B 151 6.61 -31.57 9.01
N SER B 152 5.67 -30.82 9.59
CA SER B 152 4.99 -29.75 8.88
C SER B 152 4.30 -28.86 9.89
N GLY B 153 4.41 -27.54 9.68
CA GLY B 153 3.75 -26.57 10.54
C GLY B 153 4.59 -26.06 11.68
N ASN B 154 5.80 -26.60 11.88
CA ASN B 154 6.68 -26.18 12.97
C ASN B 154 7.97 -25.58 12.45
N SER B 155 7.92 -24.91 11.30
CA SER B 155 9.10 -24.33 10.68
C SER B 155 8.73 -23.02 10.00
N GLN B 156 9.75 -22.19 9.78
CA GLN B 156 9.59 -20.90 9.11
C GLN B 156 10.76 -20.69 8.16
N GLU B 157 10.46 -20.19 6.97
CA GLU B 157 11.46 -19.97 5.93
C GLU B 157 11.69 -18.47 5.72
N SER B 158 12.89 -18.13 5.27
CA SER B 158 13.24 -16.75 4.99
C SER B 158 14.20 -16.75 3.81
N VAL B 159 13.86 -15.99 2.77
CA VAL B 159 14.65 -15.93 1.55
C VAL B 159 15.25 -14.55 1.42
N THR B 160 16.50 -14.48 0.97
CA THR B 160 17.10 -13.21 0.67
C THR B 160 16.71 -12.75 -0.74
N GLU B 161 16.90 -11.47 -1.00
CA GLU B 161 16.72 -10.97 -2.35
C GLU B 161 17.86 -11.47 -3.25
N GLN B 162 17.66 -11.32 -4.55
CA GLN B 162 18.64 -11.82 -5.51
C GLN B 162 19.94 -11.01 -5.39
N ASP B 163 21.05 -11.72 -5.30
CA ASP B 163 22.32 -11.06 -5.04
C ASP B 163 22.76 -10.22 -6.24
N SER B 164 23.52 -9.16 -5.97
CA SER B 164 23.86 -8.20 -7.01
C SER B 164 24.94 -8.71 -7.95
N LYS B 165 25.75 -9.68 -7.53
CA LYS B 165 26.86 -10.15 -8.35
C LYS B 165 26.56 -11.51 -8.98
N ASP B 166 26.49 -12.55 -8.15
CA ASP B 166 26.27 -13.89 -8.69
C ASP B 166 24.80 -14.21 -8.94
N SER B 167 23.88 -13.29 -8.64
CA SER B 167 22.47 -13.39 -9.01
C SER B 167 21.82 -14.66 -8.45
N THR B 168 22.21 -15.04 -7.23
CA THR B 168 21.69 -16.23 -6.58
C THR B 168 20.81 -15.86 -5.41
N TYR B 169 20.16 -16.88 -4.85
CA TYR B 169 19.30 -16.73 -3.68
C TYR B 169 19.89 -17.51 -2.51
N SER B 170 19.47 -17.12 -1.31
CA SER B 170 19.82 -17.84 -0.08
C SER B 170 18.55 -18.03 0.73
N LEU B 171 18.43 -19.21 1.34
CA LEU B 171 17.23 -19.58 2.09
C LEU B 171 17.63 -20.15 3.44
N SER B 172 16.85 -19.79 4.46
CA SER B 172 17.04 -20.30 5.82
C SER B 172 15.71 -20.83 6.33
N SER B 173 15.73 -22.06 6.86
CA SER B 173 14.54 -22.69 7.43
C SER B 173 14.83 -23.03 8.88
N THR B 174 14.02 -22.50 9.79
CA THR B 174 14.22 -22.66 11.22
C THR B 174 13.14 -23.56 11.78
N LEU B 175 13.55 -24.67 12.41
CA LEU B 175 12.64 -25.56 13.11
C LEU B 175 12.60 -25.16 14.58
N THR B 176 11.40 -24.93 15.09
CA THR B 176 11.20 -24.47 16.46
C THR B 176 10.47 -25.55 17.24
N LEU B 177 11.11 -26.06 18.29
CA LEU B 177 10.53 -27.06 19.17
C LEU B 177 10.66 -26.60 20.61
N SER B 178 9.81 -27.16 21.46
CA SER B 178 9.96 -26.98 22.89
C SER B 178 11.06 -27.90 23.40
N LYS B 179 11.71 -27.49 24.49
CA LYS B 179 12.77 -28.32 25.06
C LYS B 179 12.23 -29.68 25.48
N ALA B 180 10.99 -29.75 25.96
CA ALA B 180 10.40 -31.04 26.29
C ALA B 180 10.30 -31.93 25.06
N ASP B 181 9.89 -31.36 23.92
CA ASP B 181 9.77 -32.13 22.70
C ASP B 181 11.11 -32.41 22.05
N TYR B 182 12.08 -31.50 22.20
CA TYR B 182 13.36 -31.69 21.54
C TYR B 182 14.14 -32.85 22.15
N GLU B 183 14.14 -32.94 23.48
CA GLU B 183 14.89 -33.97 24.21
C GLU B 183 14.19 -35.32 24.22
N LYS B 184 13.08 -35.45 23.50
CA LYS B 184 12.39 -36.72 23.35
C LYS B 184 12.72 -37.42 22.03
N HIS B 185 13.51 -36.80 21.17
CA HIS B 185 13.85 -37.35 19.87
C HIS B 185 15.36 -37.26 19.67
N LYS B 186 15.87 -38.13 18.79
CA LYS B 186 17.30 -38.33 18.61
C LYS B 186 17.85 -37.69 17.34
N VAL B 187 17.35 -38.11 16.17
CA VAL B 187 17.90 -37.68 14.89
C VAL B 187 17.05 -36.57 14.31
N TYR B 188 17.70 -35.52 13.83
CA TYR B 188 17.04 -34.37 13.20
C TYR B 188 17.67 -34.15 11.84
N ALA B 189 16.84 -33.99 10.81
CA ALA B 189 17.32 -33.90 9.44
C ALA B 189 16.45 -32.95 8.63
N CYS B 190 17.08 -32.21 7.72
CA CYS B 190 16.38 -31.43 6.71
C CYS B 190 16.79 -31.94 5.35
N GLU B 191 15.81 -32.36 4.55
CA GLU B 191 16.03 -32.83 3.19
C GLU B 191 15.77 -31.67 2.22
N VAL B 192 16.61 -31.58 1.20
CA VAL B 192 16.57 -30.46 0.25
C VAL B 192 16.40 -31.01 -1.15
N THR B 193 15.41 -30.49 -1.87
CA THR B 193 15.17 -30.82 -3.27
C THR B 193 15.30 -29.56 -4.11
N HIS B 194 16.09 -29.65 -5.19
CA HIS B 194 16.34 -28.51 -6.06
C HIS B 194 16.66 -29.04 -7.45
N GLN B 195 16.43 -28.19 -8.46
CA GLN B 195 16.66 -28.61 -9.84
C GLN B 195 18.14 -28.90 -10.10
N GLY B 196 19.03 -28.20 -9.40
CA GLY B 196 20.45 -28.47 -9.53
C GLY B 196 20.92 -29.75 -8.86
N LEU B 197 20.08 -30.33 -7.99
CA LEU B 197 20.42 -31.57 -7.30
C LEU B 197 19.80 -32.75 -8.04
N SER B 198 20.64 -33.67 -8.50
CA SER B 198 20.15 -34.88 -9.14
C SER B 198 19.42 -35.80 -8.16
N SER B 199 19.71 -35.66 -6.87
CA SER B 199 19.05 -36.41 -5.82
C SER B 199 18.89 -35.51 -4.61
N PRO B 200 17.89 -35.77 -3.76
CA PRO B 200 17.73 -34.95 -2.55
C PRO B 200 18.94 -35.04 -1.65
N VAL B 201 19.39 -33.89 -1.17
CA VAL B 201 20.54 -33.78 -0.29
C VAL B 201 20.03 -33.69 1.15
N THR B 202 20.50 -34.59 2.00
CA THR B 202 20.05 -34.68 3.39
C THR B 202 21.22 -34.38 4.32
N LYS B 203 20.99 -33.49 5.28
CA LYS B 203 21.96 -33.17 6.33
C LYS B 203 21.30 -33.41 7.68
N SER B 204 21.84 -34.37 8.45
CA SER B 204 21.25 -34.75 9.72
C SER B 204 22.31 -34.74 10.81
N PHE B 205 21.84 -34.69 12.06
CA PHE B 205 22.70 -34.78 13.23
C PHE B 205 21.96 -35.56 14.31
N ASN B 206 22.70 -35.91 15.36
CA ASN B 206 22.14 -36.57 16.53
C ASN B 206 22.18 -35.63 17.73
N ARG B 207 21.13 -35.69 18.55
CA ARG B 207 20.99 -34.74 19.65
C ARG B 207 22.06 -34.99 20.70
N GLY B 208 22.90 -33.99 20.95
CA GLY B 208 23.97 -34.08 21.91
C GLY B 208 25.35 -34.24 21.30
N GLU B 209 25.44 -34.72 20.06
CA GLU B 209 26.74 -34.93 19.42
C GLU B 209 27.11 -33.77 18.51
N ASP C 4 -45.47 17.72 3.69
CA ASP C 4 -44.30 17.85 4.55
C ASP C 4 -43.17 18.58 3.82
N THR C 5 -42.31 19.25 4.59
CA THR C 5 -41.19 20.01 4.04
C THR C 5 -39.89 19.51 4.64
N ILE C 6 -38.78 20.01 4.09
CA ILE C 6 -37.44 19.73 4.59
C ILE C 6 -36.82 21.03 5.06
N THR C 7 -36.54 21.13 6.36
CA THR C 7 -36.00 22.34 6.95
C THR C 7 -34.50 22.19 7.12
N LEU C 8 -33.73 23.03 6.43
CA LEU C 8 -32.27 22.99 6.49
C LEU C 8 -31.78 24.03 7.49
N PRO C 9 -31.05 23.63 8.53
CA PRO C 9 -30.51 24.61 9.48
C PRO C 9 -29.46 25.49 8.80
N CYS C 10 -29.66 26.81 8.90
CA CYS C 10 -28.77 27.79 8.28
C CYS C 10 -28.24 28.75 9.33
N ARG C 11 -26.98 29.16 9.16
CA ARG C 11 -26.29 30.09 10.05
C ARG C 11 -25.43 31.05 9.24
N PRO C 12 -25.68 32.37 9.30
CA PRO C 12 -26.76 32.99 10.07
C PRO C 12 -28.11 32.91 9.37
N ALA C 13 -29.11 33.59 9.92
CA ALA C 13 -30.46 33.53 9.38
C ALA C 13 -30.54 34.30 8.07
N PRO C 14 -30.91 33.66 6.96
CA PRO C 14 -31.05 34.39 5.70
C PRO C 14 -32.44 34.99 5.58
N PRO C 15 -32.55 36.25 5.16
CA PRO C 15 -33.85 36.89 5.03
C PRO C 15 -34.71 36.20 3.97
N PRO C 16 -36.02 36.38 4.02
CA PRO C 16 -36.89 35.70 3.04
C PRO C 16 -36.65 36.14 1.60
N HIS C 17 -36.06 37.31 1.37
CA HIS C 17 -35.84 37.78 0.02
C HIS C 17 -34.61 37.16 -0.64
N CYS C 18 -33.78 36.43 0.11
CA CYS C 18 -32.67 35.68 -0.46
C CYS C 18 -33.10 34.29 -0.93
N SER C 19 -34.39 33.97 -0.86
CA SER C 19 -34.89 32.73 -1.43
C SER C 19 -34.66 32.72 -2.94
N SER C 20 -34.27 31.55 -3.46
CA SER C 20 -33.88 31.43 -4.85
C SER C 20 -34.43 30.13 -5.41
N ASN C 21 -34.05 29.82 -6.65
CA ASN C 21 -34.45 28.59 -7.32
C ASN C 21 -33.22 27.71 -7.49
N ILE C 22 -33.36 26.43 -7.13
CA ILE C 22 -32.28 25.46 -7.30
C ILE C 22 -32.33 24.93 -8.72
N THR C 23 -31.28 25.20 -9.49
CA THR C 23 -31.23 24.84 -10.89
C THR C 23 -30.27 23.70 -11.21
N GLY C 24 -29.43 23.29 -10.26
CA GLY C 24 -28.50 22.22 -10.54
C GLY C 24 -27.74 21.79 -9.29
N LEU C 25 -27.03 20.68 -9.43
CA LEU C 25 -26.21 20.12 -8.37
C LEU C 25 -24.84 19.75 -8.94
N ILE C 26 -23.90 19.50 -8.02
CA ILE C 26 -22.57 19.02 -8.38
C ILE C 26 -22.18 17.95 -7.38
N LEU C 27 -21.88 16.76 -7.87
CA LEU C 27 -21.72 15.57 -7.05
C LEU C 27 -20.31 15.01 -7.17
N THR C 28 -20.04 13.97 -6.38
CA THR C 28 -18.80 13.22 -6.41
C THR C 28 -19.09 11.75 -6.17
N ARG C 29 -18.64 10.90 -7.08
CA ARG C 29 -18.85 9.46 -6.93
C ARG C 29 -17.83 8.88 -5.94
N GLN C 30 -18.32 8.00 -5.07
CA GLN C 30 -17.45 7.37 -4.08
C GLN C 30 -16.47 6.41 -4.76
N GLY C 31 -15.20 6.50 -4.39
CA GLY C 31 -14.20 5.64 -4.97
C GLY C 31 -14.30 4.20 -4.49
N GLY C 32 -13.76 3.31 -5.30
CA GLY C 32 -13.81 1.89 -4.99
C GLY C 32 -14.99 1.20 -5.66
N TYR C 33 -14.72 0.45 -6.72
CA TYR C 33 -15.79 -0.22 -7.47
C TYR C 33 -16.31 -1.39 -6.65
N SER C 34 -17.53 -1.25 -6.11
CA SER C 34 -18.10 -2.30 -5.27
C SER C 34 -18.51 -3.52 -6.08
N ASN C 35 -18.88 -3.33 -7.34
CA ASN C 35 -19.34 -4.41 -8.22
C ASN C 35 -20.55 -5.13 -7.61
N ALA C 36 -21.41 -4.40 -6.91
CA ALA C 36 -22.63 -4.93 -6.35
C ALA C 36 -23.85 -4.18 -6.88
N ASN C 37 -23.71 -3.60 -8.08
CA ASN C 37 -24.75 -2.76 -8.67
C ASN C 37 -25.18 -1.65 -7.70
N THR C 38 -24.20 -1.06 -7.03
CA THR C 38 -24.44 -0.02 -6.03
C THR C 38 -23.45 1.11 -6.26
N VAL C 39 -23.95 2.30 -6.55
CA VAL C 39 -23.14 3.49 -6.76
C VAL C 39 -23.57 4.53 -5.73
N ILE C 40 -22.61 5.05 -4.98
CA ILE C 40 -22.86 6.05 -3.94
C ILE C 40 -22.43 7.41 -4.46
N PHE C 41 -23.26 8.43 -4.22
CA PHE C 41 -22.96 9.79 -4.63
C PHE C 41 -23.08 10.72 -3.43
N ARG C 42 -22.09 11.60 -3.27
CA ARG C 42 -22.08 12.58 -2.19
C ARG C 42 -22.01 13.98 -2.79
N PRO C 43 -22.24 15.04 -2.00
CA PRO C 43 -21.96 16.38 -2.50
C PRO C 43 -20.49 16.52 -2.89
N SER C 44 -20.22 17.47 -3.78
CA SER C 44 -18.90 17.59 -4.37
C SER C 44 -17.84 17.85 -3.30
N GLY C 45 -16.75 17.09 -3.36
CA GLY C 45 -15.62 17.30 -2.49
C GLY C 45 -14.54 18.08 -3.21
N GLY C 46 -14.95 18.89 -4.19
CA GLY C 46 -14.04 19.70 -4.97
C GLY C 46 -14.13 21.17 -4.60
N ASP C 47 -13.14 21.91 -5.07
CA ASP C 47 -13.06 23.35 -4.79
C ASP C 47 -13.90 24.14 -5.79
N TRP C 48 -13.50 25.38 -6.06
CA TRP C 48 -14.26 26.22 -6.98
C TRP C 48 -13.99 25.89 -8.44
N ARG C 49 -12.88 25.21 -8.73
CA ARG C 49 -12.60 24.85 -10.11
C ARG C 49 -13.66 23.92 -10.68
N ASP C 50 -14.24 23.07 -9.83
CA ASP C 50 -15.27 22.14 -10.31
C ASP C 50 -16.57 22.85 -10.64
N ILE C 51 -16.90 23.94 -9.93
CA ILE C 51 -18.15 24.62 -10.17
C ILE C 51 -18.10 25.42 -11.47
N ALA C 52 -16.98 26.10 -11.73
CA ALA C 52 -16.83 26.84 -12.97
C ALA C 52 -16.80 25.94 -14.19
N ARG C 53 -16.42 24.66 -14.02
CA ARG C 53 -16.40 23.73 -15.15
C ARG C 53 -17.80 23.45 -15.67
N CYS C 54 -18.81 23.49 -14.80
CA CYS C 54 -20.17 23.14 -15.22
C CYS C 54 -20.79 24.23 -16.09
N GLN C 55 -20.41 25.49 -15.87
CA GLN C 55 -20.90 26.64 -16.64
C GLN C 55 -22.39 26.87 -16.46
N ILE C 56 -23.08 25.97 -15.75
CA ILE C 56 -24.51 26.09 -15.58
C ILE C 56 -24.89 26.84 -14.31
N ALA C 57 -23.93 27.19 -13.47
CA ALA C 57 -24.22 28.03 -12.31
C ALA C 57 -24.31 29.48 -12.72
N GLY C 58 -25.25 30.20 -12.13
CA GLY C 58 -25.46 31.60 -12.45
C GLY C 58 -24.38 32.50 -11.89
N THR C 59 -24.73 33.77 -11.69
CA THR C 59 -23.82 34.73 -11.07
C THR C 59 -23.84 34.65 -9.55
N VAL C 60 -24.71 33.83 -8.97
CA VAL C 60 -24.76 33.69 -7.51
C VAL C 60 -23.65 32.74 -7.07
N VAL C 61 -22.77 33.25 -6.20
CA VAL C 61 -21.73 32.41 -5.61
C VAL C 61 -22.40 31.37 -4.74
N SER C 62 -22.18 30.09 -5.06
CA SER C 62 -22.87 29.01 -4.35
C SER C 62 -22.11 27.71 -4.53
N THR C 63 -22.19 26.85 -3.50
CA THR C 63 -21.57 25.54 -3.50
C THR C 63 -22.63 24.45 -3.35
N GLN C 64 -22.24 23.22 -3.68
CA GLN C 64 -23.12 22.05 -3.66
C GLN C 64 -24.34 22.25 -4.57
N LEU C 65 -25.21 23.20 -4.23
CA LEU C 65 -26.38 23.50 -5.01
C LEU C 65 -26.17 24.78 -5.81
N PHE C 66 -26.82 24.87 -6.96
CA PHE C 66 -26.73 26.04 -7.83
C PHE C 66 -28.01 26.85 -7.72
N LEU C 67 -27.86 28.14 -7.44
CA LEU C 67 -28.98 29.03 -7.19
C LEU C 67 -29.11 30.05 -8.31
N ASN C 68 -30.32 30.19 -8.86
CA ASN C 68 -30.62 31.16 -9.90
C ASN C 68 -29.76 30.96 -11.14
N GLY C 69 -29.43 29.71 -11.44
CA GLY C 69 -28.63 29.37 -12.61
C GLY C 69 -29.49 29.10 -13.83
N SER C 70 -28.88 28.43 -14.80
CA SER C 70 -29.54 28.11 -16.06
C SER C 70 -30.13 26.71 -16.01
N LEU C 71 -31.34 26.57 -16.55
CA LEU C 71 -32.04 25.30 -16.56
C LEU C 71 -31.80 24.56 -17.88
N ALA C 72 -32.23 23.30 -17.91
CA ALA C 72 -32.14 22.49 -19.11
C ALA C 72 -33.47 22.58 -19.86
N GLU C 73 -33.63 21.75 -20.90
CA GLU C 73 -34.83 21.78 -21.73
C GLU C 73 -35.42 20.38 -21.80
N GLU C 74 -36.57 20.19 -21.15
CA GLU C 74 -37.43 19.02 -21.30
C GLU C 74 -36.82 17.75 -20.69
N GLU C 75 -35.56 17.79 -20.27
CA GLU C 75 -34.94 16.59 -19.71
C GLU C 75 -33.79 16.98 -18.81
N VAL C 76 -33.53 16.13 -17.81
CA VAL C 76 -32.42 16.32 -16.89
C VAL C 76 -31.14 15.87 -17.56
N VAL C 77 -30.10 16.71 -17.48
CA VAL C 77 -28.83 16.47 -18.15
C VAL C 77 -27.75 16.28 -17.10
N ILE C 78 -26.88 15.28 -17.32
CA ILE C 78 -25.76 14.99 -16.45
C ILE C 78 -24.49 15.06 -17.28
N ARG C 79 -23.48 15.77 -16.78
CA ARG C 79 -22.23 15.97 -17.50
C ARG C 79 -21.05 15.84 -16.56
N SER C 80 -19.92 15.38 -17.12
CA SER C 80 -18.70 15.21 -16.34
C SER C 80 -17.51 15.17 -17.30
N GLU C 81 -16.34 15.59 -16.84
CA GLU C 81 -15.15 15.56 -17.67
C GLU C 81 -14.67 14.15 -17.99
N ASP C 82 -14.69 13.28 -16.99
CA ASP C 82 -14.53 11.85 -17.20
C ASP C 82 -15.48 11.19 -16.28
N TRP C 83 -16.27 10.27 -16.80
CA TRP C 83 -17.28 9.60 -15.99
C TRP C 83 -16.69 8.60 -15.05
N ARG C 84 -15.54 8.04 -15.41
CA ARG C 84 -14.96 6.99 -14.60
C ARG C 84 -13.88 7.52 -13.69
N ASP C 85 -13.67 8.82 -13.68
CA ASP C 85 -12.72 9.41 -12.76
C ASP C 85 -13.51 9.96 -11.61
N ASN C 86 -13.38 9.32 -10.46
CA ASN C 86 -14.06 9.81 -9.26
C ASN C 86 -13.48 11.12 -8.74
N ALA C 87 -12.38 11.60 -9.31
CA ALA C 87 -11.83 12.88 -8.90
C ALA C 87 -12.48 14.05 -9.62
N LYS C 88 -13.04 13.82 -10.81
CA LYS C 88 -13.76 14.85 -11.54
C LYS C 88 -15.21 14.88 -11.07
N SER C 89 -15.69 16.08 -10.73
CA SER C 89 -17.05 16.21 -10.24
C SER C 89 -18.06 15.93 -11.35
N ILE C 90 -19.31 15.72 -10.93
CA ILE C 90 -20.40 15.38 -11.84
C ILE C 90 -21.41 16.52 -11.81
N CYS C 91 -21.52 17.22 -12.93
CA CYS C 91 -22.45 18.34 -13.02
C CYS C 91 -23.86 17.84 -13.31
N VAL C 92 -24.82 18.33 -12.55
CA VAL C 92 -26.23 17.99 -12.73
C VAL C 92 -26.99 19.27 -13.07
N GLN C 93 -27.75 19.23 -14.15
CA GLN C 93 -28.59 20.36 -14.56
C GLN C 93 -30.04 19.89 -14.59
N LEU C 94 -30.88 20.59 -13.84
CA LEU C 94 -32.29 20.22 -13.74
C LEU C 94 -33.07 20.80 -14.92
N ALA C 95 -34.20 20.14 -15.22
CA ALA C 95 -35.11 20.65 -16.24
C ALA C 95 -36.09 21.65 -15.65
N THR C 96 -36.71 21.32 -14.52
CA THR C 96 -37.57 22.23 -13.78
C THR C 96 -36.91 22.55 -12.46
N SER C 97 -36.91 23.84 -12.09
CA SER C 97 -36.23 24.26 -10.87
C SER C 97 -36.98 23.79 -9.63
N VAL C 98 -36.28 23.81 -8.50
CA VAL C 98 -36.85 23.48 -7.21
C VAL C 98 -36.72 24.71 -6.32
N GLU C 99 -37.84 25.28 -5.93
CA GLU C 99 -37.84 26.51 -5.14
C GLU C 99 -37.47 26.23 -3.69
N ILE C 100 -36.60 27.07 -3.14
CA ILE C 100 -36.22 27.03 -1.73
C ILE C 100 -36.57 28.36 -1.11
N ALA C 101 -37.36 28.33 -0.04
CA ALA C 101 -37.84 29.54 0.64
C ALA C 101 -37.29 29.57 2.05
N CYS C 102 -36.52 30.61 2.37
CA CYS C 102 -35.93 30.78 3.68
C CYS C 102 -36.86 31.60 4.56
N THR C 103 -37.10 31.12 5.77
CA THR C 103 -38.07 31.77 6.65
C THR C 103 -37.52 33.08 7.23
N GLY C 104 -36.23 33.13 7.50
CA GLY C 104 -35.62 34.26 8.18
C GLY C 104 -35.27 34.01 9.63
N ALA C 105 -35.63 32.84 10.18
CA ALA C 105 -35.30 32.46 11.54
C ALA C 105 -34.25 31.36 11.60
N GLY C 106 -33.32 31.36 10.65
CA GLY C 106 -32.29 30.35 10.59
C GLY C 106 -32.70 29.05 9.95
N HIS C 107 -33.69 29.07 9.06
CA HIS C 107 -34.16 27.86 8.39
C HIS C 107 -34.57 28.19 6.97
N CYS C 108 -34.27 27.28 6.05
CA CYS C 108 -34.70 27.38 4.66
C CYS C 108 -35.44 26.10 4.30
N ALA C 109 -36.67 26.24 3.82
CA ALA C 109 -37.55 25.10 3.57
C ALA C 109 -37.52 24.68 2.11
N ILE C 110 -37.79 23.40 1.88
CA ILE C 110 -37.82 22.81 0.55
C ILE C 110 -38.92 21.75 0.51
N SER C 111 -39.69 21.74 -0.58
CA SER C 111 -40.74 20.74 -0.75
C SER C 111 -40.15 19.34 -0.77
N ARG C 112 -40.55 18.52 0.21
CA ARG C 112 -40.03 17.16 0.27
C ARG C 112 -40.51 16.31 -0.90
N ALA C 113 -41.73 16.56 -1.38
CA ALA C 113 -42.24 15.81 -2.53
C ALA C 113 -41.48 16.18 -3.80
N LYS C 114 -41.30 17.48 -4.04
CA LYS C 114 -40.60 17.92 -5.24
C LYS C 114 -39.14 17.49 -5.22
N TRP C 115 -38.49 17.56 -4.05
CA TRP C 115 -37.08 17.17 -3.98
C TRP C 115 -36.92 15.67 -4.20
N ALA C 116 -37.83 14.85 -3.65
CA ALA C 116 -37.74 13.41 -3.85
C ALA C 116 -38.05 13.03 -5.29
N ASN C 117 -38.94 13.78 -5.96
CA ASN C 117 -39.27 13.46 -7.35
C ASN C 117 -38.10 13.78 -8.28
N THR C 118 -37.44 14.91 -8.06
CA THR C 118 -36.26 15.24 -8.86
C THR C 118 -35.08 14.34 -8.52
N LEU C 119 -35.03 13.81 -7.30
CA LEU C 119 -33.94 12.92 -6.92
C LEU C 119 -34.00 11.61 -7.67
N LYS C 120 -35.20 11.10 -7.97
CA LYS C 120 -35.32 9.88 -8.74
C LYS C 120 -34.92 10.10 -10.20
N GLN C 121 -35.27 11.25 -10.77
CA GLN C 121 -34.90 11.53 -12.15
C GLN C 121 -33.40 11.72 -12.31
N ILE C 122 -32.70 12.13 -11.25
CA ILE C 122 -31.25 12.19 -11.30
C ILE C 122 -30.67 10.78 -11.20
N ALA C 123 -31.28 9.93 -10.37
CA ALA C 123 -30.82 8.55 -10.25
C ALA C 123 -31.08 7.76 -11.53
N SER C 124 -32.12 8.13 -12.28
CA SER C 124 -32.40 7.42 -13.54
C SER C 124 -31.37 7.79 -14.61
N LYS C 125 -31.05 9.08 -14.73
CA LYS C 125 -30.07 9.51 -15.72
C LYS C 125 -28.66 9.05 -15.36
N LEU C 126 -28.39 8.80 -14.09
CA LEU C 126 -27.10 8.23 -13.71
C LEU C 126 -27.01 6.76 -14.08
N ARG C 127 -28.14 6.05 -14.10
CA ARG C 127 -28.12 4.66 -14.51
C ARG C 127 -27.82 4.50 -15.99
N GLU C 128 -28.14 5.49 -16.81
CA GLU C 128 -27.76 5.45 -18.22
C GLU C 128 -26.25 5.56 -18.40
N GLN C 129 -25.55 6.14 -17.42
CA GLN C 129 -24.10 6.30 -17.49
C GLN C 129 -23.33 5.18 -16.79
N TYR C 130 -23.99 4.45 -15.89
CA TYR C 130 -23.30 3.41 -15.12
C TYR C 130 -23.99 2.05 -15.16
N GLY C 131 -25.14 1.94 -15.82
CA GLY C 131 -25.87 0.69 -15.87
C GLY C 131 -26.97 0.62 -14.84
N ALA C 132 -27.80 -0.42 -14.97
CA ALA C 132 -28.95 -0.61 -14.08
C ALA C 132 -28.45 -0.98 -12.69
N LYS C 133 -28.05 0.06 -11.93
CA LYS C 133 -27.51 -0.12 -10.60
C LYS C 133 -28.30 0.70 -9.60
N THR C 134 -28.16 0.35 -8.33
CA THR C 134 -28.84 1.05 -7.25
C THR C 134 -28.09 2.34 -6.93
N ILE C 135 -28.81 3.46 -6.94
CA ILE C 135 -28.23 4.77 -6.68
C ILE C 135 -28.47 5.13 -5.22
N ILE C 136 -27.41 5.54 -4.53
CA ILE C 136 -27.48 5.93 -3.13
C ILE C 136 -26.89 7.33 -2.99
N PHE C 137 -27.58 8.19 -2.24
CA PHE C 137 -27.09 9.53 -1.94
C PHE C 137 -26.76 9.61 -0.45
N LYS C 138 -25.53 10.03 -0.16
CA LYS C 138 -25.02 10.15 1.20
C LYS C 138 -24.57 11.57 1.46
N PRO C 139 -24.51 11.99 2.74
CA PRO C 139 -24.04 13.35 3.05
C PRO C 139 -22.59 13.59 2.65
N SER C 140 -22.12 14.82 2.87
CA SER C 140 -20.76 15.18 2.49
C SER C 140 -19.74 14.37 3.27
N SER C 141 -18.58 14.17 2.64
CA SER C 141 -17.49 13.45 3.28
C SER C 141 -16.69 14.33 4.24
N GLY C 142 -16.98 15.63 4.28
CA GLY C 142 -16.27 16.56 5.12
C GLY C 142 -15.60 17.66 4.31
N GLY C 143 -15.04 18.61 5.04
CA GLY C 143 -14.32 19.71 4.45
C GLY C 143 -14.52 20.98 5.25
N ASP C 144 -14.02 22.08 4.68
CA ASP C 144 -14.18 23.39 5.28
C ASP C 144 -15.65 23.79 5.30
N PRO C 145 -16.05 24.71 6.18
CA PRO C 145 -17.47 25.05 6.32
C PRO C 145 -18.12 25.53 5.04
N GLU C 146 -17.35 26.12 4.12
CA GLU C 146 -17.95 26.64 2.89
C GLU C 146 -18.26 25.54 1.88
N PHE C 147 -17.67 24.36 2.02
CA PHE C 147 -17.90 23.27 1.08
C PHE C 147 -18.59 22.06 1.68
N VAL C 148 -18.44 21.81 2.99
CA VAL C 148 -19.19 20.73 3.62
C VAL C 148 -20.65 21.14 3.81
N ASN C 149 -20.94 22.43 3.81
CA ASN C 149 -22.30 22.95 3.88
C ASN C 149 -22.63 23.65 2.57
N HIS C 150 -23.93 23.75 2.29
CA HIS C 150 -24.42 24.51 1.14
C HIS C 150 -24.24 25.99 1.44
N SER C 151 -23.23 26.61 0.85
CA SER C 151 -22.88 27.99 1.13
C SER C 151 -23.18 28.88 -0.07
N PHE C 152 -23.45 30.15 0.22
CA PHE C 152 -23.72 31.15 -0.80
C PHE C 152 -23.62 32.52 -0.16
N ASN C 153 -23.63 33.56 -0.99
CA ASN C 153 -23.68 34.92 -0.50
C ASN C 153 -24.92 35.62 -1.05
N CYS C 154 -25.35 36.66 -0.34
CA CYS C 154 -26.57 37.37 -0.71
C CYS C 154 -26.38 38.82 -0.29
N GLY C 155 -26.05 39.67 -1.26
CA GLY C 155 -25.81 41.08 -0.98
C GLY C 155 -24.55 41.34 -0.17
N GLY C 156 -23.58 40.45 -0.22
CA GLY C 156 -22.34 40.63 0.51
C GLY C 156 -22.26 39.94 1.86
N GLU C 157 -23.24 39.13 2.22
CA GLU C 157 -23.25 38.40 3.48
C GLU C 157 -23.15 36.90 3.20
N PHE C 158 -22.29 36.22 3.95
CA PHE C 158 -22.01 34.81 3.72
C PHE C 158 -22.93 33.95 4.57
N PHE C 159 -23.47 32.89 3.95
CA PHE C 159 -24.43 32.01 4.60
C PHE C 159 -23.95 30.56 4.51
N TYR C 160 -24.37 29.76 5.48
CA TYR C 160 -23.99 28.35 5.56
C TYR C 160 -25.20 27.54 6.00
N CYS C 161 -25.55 26.51 5.23
CA CYS C 161 -26.72 25.69 5.51
C CYS C 161 -26.32 24.22 5.47
N ALA C 162 -26.74 23.46 6.49
CA ALA C 162 -26.48 22.03 6.52
C ALA C 162 -27.42 21.32 5.56
N SER C 163 -26.86 20.52 4.64
CA SER C 163 -27.63 19.82 3.63
C SER C 163 -27.63 18.31 3.85
N THR C 164 -27.58 17.87 5.10
CA THR C 164 -27.54 16.44 5.38
C THR C 164 -28.83 15.76 4.96
N GLN C 165 -29.98 16.43 5.15
CA GLN C 165 -31.27 15.83 4.84
C GLN C 165 -31.54 15.72 3.35
N LEU C 166 -30.75 16.39 2.51
CA LEU C 166 -31.00 16.35 1.07
C LEU C 166 -30.38 15.13 0.41
N PHE C 167 -29.42 14.46 1.06
CA PHE C 167 -28.70 13.34 0.47
C PHE C 167 -28.75 12.17 1.45
N ALA C 168 -29.88 11.47 1.47
CA ALA C 168 -30.05 10.30 2.32
C ALA C 168 -31.16 9.41 1.76
N SER C 169 -30.99 8.95 0.52
CA SER C 169 -32.03 8.19 -0.17
C SER C 169 -31.39 7.05 -0.94
N THR C 170 -32.17 6.00 -1.16
CA THR C 170 -31.76 4.84 -1.94
C THR C 170 -32.81 4.57 -3.01
N TRP C 171 -32.37 4.37 -4.25
CA TRP C 171 -33.27 4.23 -5.39
C TRP C 171 -32.91 2.97 -6.17
N PHE C 172 -33.83 2.01 -6.21
CA PHE C 172 -33.66 0.81 -6.99
C PHE C 172 -34.20 1.00 -8.40
#